data_4G1C
#
_entry.id   4G1C
#
_cell.length_a   67.239
_cell.length_b   84.425
_cell.length_c   95.740
_cell.angle_alpha   90.00
_cell.angle_beta   90.00
_cell.angle_gamma   90.00
#
_symmetry.space_group_name_H-M   'P 21 21 21'
#
loop_
_entity.id
_entity.type
_entity.pdbx_description
1 polymer 'NAD-dependent protein deacylase sirtuin-5, mitochondrial'
2 polymer 'Succinylated IDH2 peptide'
3 non-polymer 'ZINC ION'
4 non-polymer CARBA-NICOTINAMIDE-ADENINE-DINUCLEOTIDE
5 water water
#
loop_
_entity_poly.entity_id
_entity_poly.type
_entity_poly.pdbx_seq_one_letter_code
_entity_poly.pdbx_strand_id
1 'polypeptide(L)'
;PSSSMADFRKFFAKAKHIVIISGAGVSAESGVPTFRGAGGYWRKWQAQDLATPLAFAHNPSRVWEFYHYRREVMGSKEPN
AGHRAIAECETRLGKQGRRVVVITQNIDELHRKAGTKNLLEIHGSLFKTRCTSCGVVAENYKSPICPALSGKGAPEPGTQ
DASIPVEKLPRCEEAGCGGLLRPHVVWFGENLDPAILEEVDRELAHCDLCLVVGTSSVVYPAAMFAPQVAARGVPVAEFN
TETTPATNRFRFHFQGPCGTTLPEALA
;
A,B
2 'polypeptide(L)' (ACE)AV(SLL)CA(NH2) D,E
#
loop_
_chem_comp.id
_chem_comp.type
_chem_comp.name
_chem_comp.formula
ACE non-polymer 'ACETYL GROUP' 'C2 H4 O'
CNA non-polymer CARBA-NICOTINAMIDE-ADENINE-DINUCLEOTIDE 'C22 H30 N7 O13 P2 1'
NH2 non-polymer 'AMINO GROUP' 'H2 N'
ZN non-polymer 'ZINC ION' 'Zn 2'
#
# COMPACT_ATOMS: atom_id res chain seq x y z
N PRO A 1 -25.14 6.96 -7.74
CA PRO A 1 -24.89 5.53 -7.91
C PRO A 1 -26.19 4.72 -8.00
N SER A 2 -26.74 4.62 -9.21
CA SER A 2 -27.88 3.76 -9.47
C SER A 2 -27.51 2.29 -9.52
N SER A 3 -28.48 1.42 -9.26
CA SER A 3 -28.33 -0.01 -9.53
C SER A 3 -29.30 -0.48 -10.61
N SER A 4 -29.79 0.48 -11.40
CA SER A 4 -30.68 0.19 -12.51
C SER A 4 -29.96 -0.34 -13.75
N MET A 5 -30.08 -1.65 -13.98
CA MET A 5 -29.44 -2.31 -15.09
C MET A 5 -29.97 -1.76 -16.41
N ALA A 6 -31.26 -1.44 -16.43
CA ALA A 6 -31.91 -0.90 -17.62
C ALA A 6 -31.30 0.43 -18.06
N ASP A 7 -31.03 1.32 -17.10
CA ASP A 7 -30.41 2.60 -17.42
C ASP A 7 -28.98 2.42 -17.94
N PHE A 8 -28.23 1.49 -17.33
CA PHE A 8 -26.91 1.17 -17.84
C PHE A 8 -27.00 0.68 -19.29
N ARG A 9 -27.92 -0.25 -19.54
CA ARG A 9 -28.06 -0.86 -20.86
C ARG A 9 -28.33 0.16 -21.95
N LYS A 10 -29.06 1.21 -21.62
CA LYS A 10 -29.34 2.29 -22.56
C LYS A 10 -28.05 2.94 -23.03
N PHE A 11 -27.13 3.15 -22.09
CA PHE A 11 -25.84 3.74 -22.41
C PHE A 11 -24.99 2.76 -23.20
N PHE A 12 -25.06 1.49 -22.79
CA PHE A 12 -24.30 0.40 -23.40
C PHE A 12 -24.69 0.24 -24.87
N ALA A 13 -25.98 0.34 -25.16
CA ALA A 13 -26.49 0.20 -26.53
C ALA A 13 -25.87 1.21 -27.49
N LYS A 14 -25.55 2.39 -26.98
CA LYS A 14 -25.06 3.49 -27.81
C LYS A 14 -23.55 3.73 -27.76
N ALA A 15 -22.87 3.12 -26.79
CA ALA A 15 -21.44 3.36 -26.59
C ALA A 15 -20.61 2.86 -27.76
N LYS A 16 -19.71 3.71 -28.25
CA LYS A 16 -18.83 3.33 -29.36
C LYS A 16 -17.43 2.94 -28.89
N HIS A 17 -17.09 3.29 -27.64
CA HIS A 17 -15.76 3.03 -27.10
C HIS A 17 -15.89 2.82 -25.62
N ILE A 18 -15.88 1.57 -25.20
CA ILE A 18 -16.06 1.18 -23.83
C ILE A 18 -14.71 0.82 -23.24
N VAL A 19 -14.36 1.40 -22.11
CA VAL A 19 -13.18 0.97 -21.37
C VAL A 19 -13.61 0.12 -20.18
N ILE A 20 -13.02 -1.05 -20.05
CA ILE A 20 -13.30 -1.91 -18.94
C ILE A 20 -12.04 -2.02 -18.09
N ILE A 21 -12.09 -1.44 -16.90
CA ILE A 21 -10.97 -1.55 -15.96
C ILE A 21 -11.22 -2.70 -15.01
N SER A 22 -10.26 -3.63 -14.89
CA SER A 22 -10.45 -4.77 -13.98
C SER A 22 -9.34 -4.94 -12.95
N GLY A 23 -9.72 -5.43 -11.77
CA GLY A 23 -8.82 -5.77 -10.68
C GLY A 23 -8.99 -7.24 -10.33
N ALA A 24 -8.40 -7.67 -9.21
CA ALA A 24 -8.38 -9.09 -8.83
C ALA A 24 -9.77 -9.73 -8.70
N GLY A 25 -10.77 -8.92 -8.38
CA GLY A 25 -12.13 -9.43 -8.25
C GLY A 25 -12.68 -10.11 -9.51
N VAL A 26 -12.19 -9.74 -10.68
CA VAL A 26 -12.66 -10.37 -11.91
C VAL A 26 -12.20 -11.81 -12.02
N SER A 27 -11.17 -12.17 -11.24
CA SER A 27 -10.64 -13.54 -11.30
C SER A 27 -10.97 -14.38 -10.04
N ALA A 28 -11.65 -13.78 -9.08
CA ALA A 28 -12.01 -14.46 -7.83
C ALA A 28 -12.84 -15.72 -8.09
N GLU A 29 -13.81 -15.58 -8.98
CA GLU A 29 -14.69 -16.70 -9.33
C GLU A 29 -14.01 -17.71 -10.24
N SER A 30 -12.75 -17.45 -10.57
CA SER A 30 -11.94 -18.44 -11.27
C SER A 30 -11.13 -19.27 -10.26
N GLY A 31 -11.23 -18.92 -8.98
CA GLY A 31 -10.45 -19.57 -7.96
C GLY A 31 -9.08 -18.95 -7.73
N VAL A 32 -8.92 -17.71 -8.18
CA VAL A 32 -7.68 -16.98 -7.92
C VAL A 32 -8.01 -15.97 -6.83
N PRO A 33 -7.39 -16.14 -5.66
CA PRO A 33 -7.75 -15.21 -4.59
C PRO A 33 -7.20 -13.80 -4.82
N THR A 34 -7.95 -12.82 -4.36
CA THR A 34 -7.49 -11.43 -4.34
C THR A 34 -6.52 -11.26 -3.18
N PHE A 35 -6.06 -10.04 -2.98
CA PHE A 35 -5.17 -9.73 -1.86
C PHE A 35 -5.96 -9.14 -0.70
N ARG A 36 -7.29 -9.17 -0.80
CA ARG A 36 -8.12 -8.62 0.25
C ARG A 36 -8.15 -9.62 1.41
N GLY A 37 -7.79 -9.16 2.60
CA GLY A 37 -7.74 -10.02 3.76
C GLY A 37 -6.85 -11.25 3.56
N ALA A 38 -7.48 -12.42 3.57
CA ALA A 38 -6.79 -13.72 3.58
C ALA A 38 -5.83 -13.99 2.43
N GLY A 39 -6.29 -13.73 1.20
CA GLY A 39 -5.47 -13.96 0.02
C GLY A 39 -4.29 -13.00 -0.05
N GLY A 40 -4.30 -11.99 0.81
CA GLY A 40 -3.22 -11.01 0.88
C GLY A 40 -2.04 -11.49 1.69
N TYR A 41 -2.07 -12.78 2.07
CA TYR A 41 -0.99 -13.37 2.83
C TYR A 41 -0.40 -14.59 2.15
N TRP A 42 0.88 -14.82 2.41
CA TRP A 42 1.58 -15.99 1.90
C TRP A 42 2.68 -16.32 2.89
N ARG A 43 2.55 -17.49 3.53
CA ARG A 43 3.32 -17.79 4.73
C ARG A 43 3.08 -16.69 5.76
N LYS A 44 4.14 -16.17 6.36
CA LYS A 44 3.97 -15.14 7.38
C LYS A 44 3.80 -13.76 6.74
N TRP A 45 4.13 -13.65 5.46
CA TRP A 45 4.26 -12.34 4.83
C TRP A 45 3.03 -11.85 4.07
N GLN A 46 2.90 -10.53 4.00
CA GLN A 46 1.88 -9.87 3.21
C GLN A 46 2.33 -9.75 1.76
N ALA A 47 1.40 -9.97 0.84
CA ALA A 47 1.70 -9.87 -0.58
C ALA A 47 2.22 -8.47 -0.93
N GLN A 48 1.65 -7.43 -0.32
CA GLN A 48 2.08 -6.08 -0.65
C GLN A 48 3.47 -5.76 -0.10
N ASP A 49 4.04 -6.66 0.71
CA ASP A 49 5.43 -6.50 1.17
C ASP A 49 6.38 -7.30 0.30
N LEU A 50 5.95 -8.47 -0.14
CA LEU A 50 6.74 -9.30 -1.03
C LEU A 50 6.87 -8.71 -2.43
N ALA A 51 5.82 -8.04 -2.89
CA ALA A 51 5.82 -7.44 -4.22
C ALA A 51 6.44 -6.04 -4.18
N THR A 52 7.71 -5.97 -3.77
CA THR A 52 8.47 -4.73 -3.66
C THR A 52 9.92 -4.93 -4.09
N PRO A 53 10.53 -3.89 -4.69
CA PRO A 53 11.96 -3.93 -5.03
C PRO A 53 12.81 -4.27 -3.81
N LEU A 54 12.44 -3.75 -2.65
CA LEU A 54 13.21 -4.05 -1.45
C LEU A 54 13.25 -5.54 -1.13
N ALA A 55 12.09 -6.18 -1.20
CA ALA A 55 12.01 -7.59 -0.85
C ALA A 55 12.79 -8.45 -1.83
N PHE A 56 12.68 -8.12 -3.11
CA PHE A 56 13.35 -8.91 -4.13
C PHE A 56 14.87 -8.73 -4.09
N ALA A 57 15.34 -7.48 -3.95
CA ALA A 57 16.77 -7.21 -3.88
C ALA A 57 17.45 -8.00 -2.76
N HIS A 58 16.76 -8.16 -1.63
CA HIS A 58 17.38 -8.75 -0.44
C HIS A 58 17.14 -10.25 -0.32
N ASN A 59 16.10 -10.74 -1.00
CA ASN A 59 15.78 -12.16 -0.94
C ASN A 59 15.04 -12.60 -2.18
N PRO A 60 15.73 -12.65 -3.32
CA PRO A 60 15.07 -13.01 -4.58
C PRO A 60 14.49 -14.42 -4.58
N SER A 61 15.03 -15.30 -3.73
CA SER A 61 14.51 -16.66 -3.65
C SER A 61 13.11 -16.73 -3.03
N ARG A 62 12.90 -16.02 -1.94
CA ARG A 62 11.58 -16.00 -1.33
C ARG A 62 10.53 -15.40 -2.27
N VAL A 63 10.89 -14.30 -2.92
CA VAL A 63 9.98 -13.65 -3.84
C VAL A 63 9.68 -14.55 -5.04
N TRP A 64 10.70 -15.18 -5.60
CA TRP A 64 10.49 -16.14 -6.70
C TRP A 64 9.62 -17.34 -6.28
N GLU A 65 9.82 -17.85 -5.08
CA GLU A 65 8.95 -18.89 -4.53
C GLU A 65 7.49 -18.45 -4.59
N PHE A 66 7.28 -17.20 -4.20
CA PHE A 66 5.97 -16.58 -4.16
C PHE A 66 5.36 -16.48 -5.56
N TYR A 67 6.16 -16.03 -6.53
CA TYR A 67 5.69 -15.97 -7.91
C TYR A 67 5.56 -17.34 -8.57
N HIS A 68 6.48 -18.25 -8.23
CA HIS A 68 6.43 -19.59 -8.79
C HIS A 68 5.11 -20.24 -8.37
N TYR A 69 4.83 -20.16 -7.07
CA TYR A 69 3.58 -20.63 -6.53
C TYR A 69 2.39 -20.09 -7.32
N ARG A 70 2.35 -18.77 -7.50
CA ARG A 70 1.25 -18.18 -8.26
C ARG A 70 1.19 -18.63 -9.71
N ARG A 71 2.35 -18.78 -10.33
CA ARG A 71 2.41 -19.26 -11.72
C ARG A 71 1.78 -20.66 -11.78
N GLU A 72 2.18 -21.51 -10.84
CA GLU A 72 1.67 -22.89 -10.78
C GLU A 72 0.17 -22.99 -10.51
N VAL A 73 -0.32 -22.21 -9.55
CA VAL A 73 -1.74 -22.17 -9.25
C VAL A 73 -2.53 -21.74 -10.48
N MET A 74 -2.02 -20.69 -11.15
CA MET A 74 -2.64 -20.17 -12.36
C MET A 74 -2.70 -21.17 -13.51
N GLY A 75 -1.93 -22.25 -13.42
CA GLY A 75 -1.93 -23.26 -14.46
C GLY A 75 -3.27 -23.96 -14.64
N SER A 76 -3.90 -24.31 -13.53
CA SER A 76 -5.16 -25.03 -13.55
C SER A 76 -6.37 -24.15 -13.89
N LYS A 77 -6.18 -22.83 -13.78
CA LYS A 77 -7.31 -21.89 -13.74
C LYS A 77 -7.97 -21.58 -15.08
N GLU A 78 -9.29 -21.38 -15.05
CA GLU A 78 -10.06 -21.10 -16.26
C GLU A 78 -10.75 -19.76 -16.15
N PRO A 79 -10.82 -19.02 -17.27
CA PRO A 79 -11.65 -17.81 -17.27
C PRO A 79 -13.04 -18.14 -16.77
N ASN A 80 -13.62 -17.23 -16.01
CA ASN A 80 -14.97 -17.43 -15.52
C ASN A 80 -15.93 -16.71 -16.45
N ALA A 81 -17.20 -16.67 -16.09
CA ALA A 81 -18.21 -16.12 -16.98
C ALA A 81 -18.06 -14.61 -17.10
N GLY A 82 -17.41 -14.00 -16.11
CA GLY A 82 -17.08 -12.59 -16.14
C GLY A 82 -16.11 -12.33 -17.27
N HIS A 83 -14.98 -13.05 -17.27
CA HIS A 83 -14.00 -12.90 -18.33
C HIS A 83 -14.65 -13.19 -19.69
N ARG A 84 -15.51 -14.22 -19.76
CA ARG A 84 -16.09 -14.62 -21.03
C ARG A 84 -17.03 -13.54 -21.59
N ALA A 85 -17.88 -13.00 -20.73
CA ALA A 85 -18.78 -11.91 -21.10
C ALA A 85 -18.01 -10.73 -21.69
N ILE A 86 -16.89 -10.41 -21.07
CA ILE A 86 -16.04 -9.29 -21.50
C ILE A 86 -15.42 -9.57 -22.87
N ALA A 87 -14.90 -10.78 -23.07
CA ALA A 87 -14.30 -11.16 -24.36
C ALA A 87 -15.33 -11.22 -25.49
N GLU A 88 -16.49 -11.80 -25.17
CA GLU A 88 -17.57 -11.94 -26.15
C GLU A 88 -18.10 -10.58 -26.55
N CYS A 89 -18.15 -9.66 -25.59
CA CYS A 89 -18.61 -8.31 -25.82
C CYS A 89 -17.70 -7.60 -26.81
N GLU A 90 -16.39 -7.74 -26.58
CA GLU A 90 -15.41 -7.13 -27.48
C GLU A 90 -15.57 -7.65 -28.91
N THR A 91 -15.73 -8.97 -29.05
CA THR A 91 -15.84 -9.53 -30.40
C THR A 91 -17.11 -9.08 -31.12
N ARG A 92 -18.24 -9.10 -30.41
CA ARG A 92 -19.51 -8.68 -31.00
C ARG A 92 -19.49 -7.20 -31.39
N LEU A 93 -18.98 -6.34 -30.51
CA LEU A 93 -18.95 -4.91 -30.83
C LEU A 93 -17.94 -4.61 -31.92
N GLY A 94 -16.88 -5.41 -31.94
CA GLY A 94 -15.84 -5.26 -32.94
C GLY A 94 -16.39 -5.38 -34.36
N LYS A 95 -17.30 -6.31 -34.55
CA LYS A 95 -17.93 -6.49 -35.86
C LYS A 95 -18.87 -5.37 -36.23
N GLN A 96 -19.27 -4.57 -35.24
CA GLN A 96 -20.08 -3.38 -35.49
C GLN A 96 -19.19 -2.15 -35.70
N GLY A 97 -17.87 -2.33 -35.59
CA GLY A 97 -16.99 -1.20 -35.69
C GLY A 97 -17.02 -0.39 -34.41
N ARG A 98 -17.38 -1.04 -33.31
CA ARG A 98 -17.34 -0.38 -32.00
C ARG A 98 -16.17 -0.97 -31.23
N ARG A 99 -15.62 -0.23 -30.28
CA ARG A 99 -14.44 -0.66 -29.53
C ARG A 99 -14.71 -1.00 -28.07
N VAL A 100 -14.13 -2.11 -27.64
CA VAL A 100 -14.03 -2.43 -26.22
C VAL A 100 -12.54 -2.68 -25.94
N VAL A 101 -12.04 -2.07 -24.88
CA VAL A 101 -10.67 -2.32 -24.44
C VAL A 101 -10.68 -2.64 -22.95
N VAL A 102 -9.88 -3.61 -22.56
CA VAL A 102 -9.72 -3.96 -21.16
C VAL A 102 -8.39 -3.45 -20.66
N ILE A 103 -8.45 -2.70 -19.56
CA ILE A 103 -7.25 -2.21 -18.86
C ILE A 103 -7.22 -2.94 -17.52
N THR A 104 -6.30 -3.89 -17.37
CA THR A 104 -6.31 -4.73 -16.19
C THR A 104 -5.12 -4.52 -15.26
N GLN A 105 -5.41 -4.43 -13.97
CA GLN A 105 -4.42 -4.49 -12.89
C GLN A 105 -3.84 -5.90 -12.75
N ASN A 106 -4.52 -6.89 -13.32
CA ASN A 106 -4.18 -8.30 -13.06
C ASN A 106 -3.02 -8.81 -13.88
N ILE A 107 -2.24 -9.72 -13.30
CA ILE A 107 -1.08 -10.28 -13.97
C ILE A 107 -1.33 -11.73 -14.40
N ASP A 108 -2.57 -12.18 -14.26
CA ASP A 108 -2.88 -13.60 -14.40
C ASP A 108 -3.15 -14.07 -15.83
N GLU A 109 -3.25 -13.13 -16.76
CA GLU A 109 -3.52 -13.40 -18.19
C GLU A 109 -4.86 -14.09 -18.50
N LEU A 110 -5.74 -14.19 -17.51
CA LEU A 110 -7.03 -14.83 -17.76
C LEU A 110 -7.89 -14.11 -18.81
N HIS A 111 -7.76 -12.78 -18.92
CA HIS A 111 -8.47 -12.06 -19.98
C HIS A 111 -8.00 -12.57 -21.32
N ARG A 112 -6.69 -12.75 -21.44
CA ARG A 112 -6.11 -13.24 -22.68
C ARG A 112 -6.58 -14.67 -22.96
N LYS A 113 -6.57 -15.50 -21.93
CA LYS A 113 -7.01 -16.89 -22.07
C LYS A 113 -8.49 -16.93 -22.51
N ALA A 114 -9.27 -15.92 -22.13
CA ALA A 114 -10.69 -15.86 -22.48
C ALA A 114 -10.94 -15.37 -23.91
N GLY A 115 -9.93 -14.80 -24.56
CA GLY A 115 -10.08 -14.37 -25.94
C GLY A 115 -10.06 -12.86 -26.15
N THR A 116 -9.99 -12.10 -25.06
CA THR A 116 -9.87 -10.66 -25.14
C THR A 116 -8.61 -10.31 -25.93
N LYS A 117 -8.77 -9.48 -26.97
CA LYS A 117 -7.64 -9.02 -27.79
C LYS A 117 -7.16 -7.60 -27.43
N ASN A 118 -8.08 -6.70 -27.11
CA ASN A 118 -7.70 -5.31 -26.83
C ASN A 118 -7.44 -5.22 -25.35
N LEU A 119 -6.18 -5.36 -24.96
CA LEU A 119 -5.85 -5.58 -23.56
C LEU A 119 -4.59 -4.79 -23.19
N LEU A 120 -4.69 -3.99 -22.12
CA LEU A 120 -3.53 -3.33 -21.55
C LEU A 120 -3.29 -3.88 -20.16
N GLU A 121 -2.20 -4.62 -20.01
CA GLU A 121 -1.81 -5.21 -18.74
C GLU A 121 -0.87 -4.25 -18.04
N ILE A 122 -1.43 -3.39 -17.20
CA ILE A 122 -0.67 -2.25 -16.71
C ILE A 122 0.33 -2.62 -15.63
N HIS A 123 0.18 -3.83 -15.11
CA HIS A 123 1.09 -4.29 -14.07
C HIS A 123 1.94 -5.45 -14.50
N GLY A 124 1.96 -5.70 -15.82
CA GLY A 124 2.76 -6.75 -16.37
C GLY A 124 2.08 -8.12 -16.35
N SER A 125 2.88 -9.17 -16.31
CA SER A 125 2.33 -10.52 -16.39
C SER A 125 3.12 -11.55 -15.59
N LEU A 126 2.38 -12.40 -14.90
CA LEU A 126 2.92 -13.57 -14.20
C LEU A 126 3.74 -14.50 -15.10
N PHE A 127 3.40 -14.50 -16.38
CA PHE A 127 4.04 -15.40 -17.34
C PHE A 127 4.97 -14.66 -18.29
N LYS A 128 5.63 -13.65 -17.76
CA LYS A 128 6.73 -13.02 -18.48
C LYS A 128 7.87 -12.82 -17.49
N THR A 129 9.09 -12.83 -18.01
CA THR A 129 10.25 -12.54 -17.18
C THR A 129 10.93 -11.30 -17.70
N ARG A 130 11.70 -10.66 -16.82
CA ARG A 130 12.58 -9.62 -17.29
C ARG A 130 13.95 -9.81 -16.69
N CYS A 131 14.98 -9.65 -17.52
CA CYS A 131 16.34 -9.80 -17.01
C CYS A 131 16.84 -8.57 -16.29
N THR A 132 17.26 -8.76 -15.04
CA THR A 132 17.72 -7.64 -14.22
C THR A 132 19.09 -7.09 -14.64
N SER A 133 19.70 -7.68 -15.67
CA SER A 133 20.96 -7.14 -16.19
C SER A 133 20.80 -6.51 -17.57
N CYS A 134 20.19 -7.24 -18.50
CA CYS A 134 20.07 -6.74 -19.86
C CYS A 134 18.70 -6.17 -20.21
N GLY A 135 17.72 -6.36 -19.33
CA GLY A 135 16.41 -5.74 -19.52
C GLY A 135 15.49 -6.45 -20.51
N VAL A 136 15.92 -7.61 -20.99
CA VAL A 136 15.13 -8.30 -22.00
C VAL A 136 13.91 -9.00 -21.40
N VAL A 137 12.76 -8.75 -22.02
CA VAL A 137 11.51 -9.32 -21.55
C VAL A 137 11.13 -10.50 -22.44
N ALA A 138 10.80 -11.63 -21.82
CA ALA A 138 10.41 -12.81 -22.58
C ALA A 138 9.19 -13.51 -21.98
N GLU A 139 8.40 -14.14 -22.85
CA GLU A 139 7.28 -14.95 -22.43
C GLU A 139 7.83 -16.19 -21.75
N ASN A 140 7.18 -16.63 -20.68
CA ASN A 140 7.61 -17.84 -20.02
C ASN A 140 6.43 -18.56 -19.38
N TYR A 141 6.14 -19.74 -19.89
CA TYR A 141 5.06 -20.54 -19.34
C TYR A 141 5.58 -21.83 -18.72
N LYS A 142 6.92 -22.00 -18.71
CA LYS A 142 7.56 -23.21 -18.21
C LYS A 142 7.07 -23.62 -16.83
N SER A 143 6.84 -24.91 -16.64
CA SER A 143 6.43 -25.46 -15.36
C SER A 143 7.29 -26.67 -15.02
N PRO A 144 8.22 -26.52 -14.07
CA PRO A 144 8.52 -25.27 -13.35
C PRO A 144 9.39 -24.32 -14.18
N ILE A 145 9.42 -23.06 -13.79
CA ILE A 145 10.21 -22.06 -14.52
C ILE A 145 11.70 -22.39 -14.41
N CYS A 146 12.09 -23.03 -13.31
CA CYS A 146 13.43 -23.55 -13.13
C CYS A 146 13.37 -24.78 -12.25
N PRO A 147 14.29 -25.74 -12.46
CA PRO A 147 14.30 -27.00 -11.71
C PRO A 147 14.23 -26.83 -10.19
N ALA A 148 14.98 -25.87 -9.64
CA ALA A 148 15.06 -25.67 -8.18
C ALA A 148 13.75 -25.27 -7.52
N LEU A 149 12.79 -24.79 -8.30
CA LEU A 149 11.53 -24.33 -7.71
C LEU A 149 10.45 -25.41 -7.66
N SER A 150 10.77 -26.59 -8.18
CA SER A 150 9.79 -27.69 -8.18
C SER A 150 9.38 -28.07 -6.77
N GLY A 151 8.07 -28.15 -6.54
CA GLY A 151 7.55 -28.48 -5.23
C GLY A 151 7.68 -27.37 -4.22
N LYS A 152 8.22 -26.23 -4.64
CA LYS A 152 8.39 -25.09 -3.75
C LYS A 152 7.22 -24.11 -3.84
N GLY A 153 7.25 -23.09 -2.99
CA GLY A 153 6.24 -22.02 -3.00
C GLY A 153 5.08 -22.29 -2.08
N ALA A 154 5.21 -23.28 -1.19
CA ALA A 154 4.14 -23.64 -0.27
C ALA A 154 3.77 -22.44 0.61
N PRO A 155 2.50 -22.01 0.53
CA PRO A 155 1.98 -20.80 1.18
C PRO A 155 1.78 -20.92 2.69
N GLU A 156 1.90 -22.12 3.24
CA GLU A 156 1.59 -22.33 4.65
C GLU A 156 2.58 -21.61 5.57
N PRO A 157 2.04 -20.86 6.54
CA PRO A 157 2.88 -20.20 7.56
C PRO A 157 3.76 -21.22 8.26
N GLY A 158 5.05 -20.91 8.40
CA GLY A 158 5.97 -21.84 9.01
C GLY A 158 6.75 -22.62 7.97
N THR A 159 6.36 -22.50 6.70
CA THR A 159 7.13 -23.10 5.63
C THR A 159 8.44 -22.34 5.50
N GLN A 160 9.54 -23.02 5.77
CA GLN A 160 10.86 -22.41 5.65
C GLN A 160 11.12 -22.07 4.19
N ASP A 161 11.85 -20.99 3.93
CA ASP A 161 12.24 -20.58 2.58
CA ASP A 161 12.10 -20.68 2.53
C ASP A 161 13.16 -21.60 1.93
N ALA A 162 12.85 -22.07 0.72
CA ALA A 162 13.70 -23.00 0.00
C ALA A 162 15.14 -22.50 -0.05
N SER A 163 15.29 -21.17 -0.02
CA SER A 163 16.59 -20.53 0.07
C SER A 163 17.49 -20.99 -1.06
N ILE A 164 16.95 -20.93 -2.27
CA ILE A 164 17.68 -21.29 -3.47
C ILE A 164 18.80 -20.30 -3.73
N PRO A 165 20.02 -20.80 -3.96
CA PRO A 165 21.15 -19.95 -4.36
C PRO A 165 20.86 -19.23 -5.66
N VAL A 166 21.30 -17.98 -5.77
CA VAL A 166 20.88 -17.09 -6.84
C VAL A 166 21.25 -17.54 -8.26
N GLU A 167 22.27 -18.37 -8.39
CA GLU A 167 22.67 -18.84 -9.71
C GLU A 167 21.74 -19.97 -10.19
N LYS A 168 20.94 -20.50 -9.27
CA LYS A 168 20.00 -21.57 -9.59
C LYS A 168 18.54 -21.07 -9.64
N LEU A 169 18.35 -19.79 -9.37
CA LEU A 169 17.07 -19.14 -9.64
C LEU A 169 16.97 -18.91 -11.15
N PRO A 170 15.80 -18.46 -11.65
CA PRO A 170 15.73 -18.33 -13.12
C PRO A 170 16.79 -17.39 -13.71
N ARG A 171 17.51 -17.88 -14.72
CA ARG A 171 18.62 -17.10 -15.29
C ARG A 171 18.36 -16.75 -16.74
N CYS A 172 18.85 -15.59 -17.17
CA CYS A 172 18.68 -15.12 -18.53
C CYS A 172 19.36 -16.10 -19.47
N GLU A 173 18.71 -16.37 -20.61
CA GLU A 173 19.32 -17.26 -21.60
C GLU A 173 19.65 -16.49 -22.87
N GLU A 174 19.89 -15.18 -22.69
CA GLU A 174 20.33 -14.35 -23.80
C GLU A 174 21.83 -14.52 -24.01
N ALA A 175 22.28 -14.27 -25.23
CA ALA A 175 23.66 -14.51 -25.62
C ALA A 175 24.66 -13.77 -24.74
N GLY A 176 25.30 -14.52 -23.84
CA GLY A 176 26.36 -13.97 -23.02
C GLY A 176 25.94 -13.15 -21.82
N CYS A 177 24.65 -13.23 -21.45
CA CYS A 177 24.18 -12.51 -20.27
C CYS A 177 24.27 -13.33 -18.98
N GLY A 178 23.32 -14.24 -18.79
CA GLY A 178 23.29 -15.07 -17.59
C GLY A 178 22.70 -14.39 -16.36
N GLY A 179 22.13 -13.20 -16.55
CA GLY A 179 21.60 -12.42 -15.46
C GLY A 179 20.48 -13.09 -14.69
N LEU A 180 20.21 -12.60 -13.48
CA LEU A 180 19.06 -13.06 -12.73
C LEU A 180 17.80 -12.48 -13.36
N LEU A 181 16.82 -13.35 -13.59
CA LEU A 181 15.52 -12.90 -14.06
C LEU A 181 14.68 -12.53 -12.88
N ARG A 182 13.67 -11.71 -13.15
CA ARG A 182 12.66 -11.39 -12.17
C ARG A 182 11.34 -11.56 -12.91
N PRO A 183 10.23 -11.71 -12.16
CA PRO A 183 8.96 -11.64 -12.90
C PRO A 183 8.76 -10.26 -13.53
N HIS A 184 8.23 -10.20 -14.75
CA HIS A 184 7.98 -8.93 -15.44
C HIS A 184 6.66 -8.40 -14.89
N VAL A 185 6.68 -7.97 -13.65
CA VAL A 185 5.49 -7.54 -12.93
C VAL A 185 5.84 -6.23 -12.22
N VAL A 186 4.94 -5.25 -12.30
CA VAL A 186 5.25 -3.97 -11.65
C VAL A 186 5.03 -4.15 -10.16
N TRP A 187 6.06 -3.83 -9.38
CA TRP A 187 5.95 -3.96 -7.93
C TRP A 187 5.54 -2.65 -7.29
N PHE A 188 5.02 -2.72 -6.06
CA PHE A 188 4.77 -1.49 -5.31
C PHE A 188 6.04 -0.69 -5.14
N GLY A 189 5.96 0.58 -5.52
CA GLY A 189 7.11 1.47 -5.46
C GLY A 189 7.83 1.60 -6.78
N GLU A 190 7.43 0.79 -7.75
CA GLU A 190 7.97 0.90 -9.10
C GLU A 190 7.10 1.71 -10.05
N ASN A 191 7.75 2.30 -11.06
N ASN A 191 7.74 2.34 -11.04
CA ASN A 191 7.05 3.03 -12.10
CA ASN A 191 7.02 3.10 -12.06
C ASN A 191 6.32 2.11 -13.04
C ASN A 191 6.35 2.18 -13.08
N LEU A 192 5.10 2.46 -13.40
CA LEU A 192 4.42 1.77 -14.48
C LEU A 192 5.15 2.17 -15.79
N ASP A 193 5.04 1.31 -16.79
CA ASP A 193 5.63 1.56 -18.12
C ASP A 193 5.05 2.86 -18.70
N PRO A 194 5.90 3.85 -19.00
CA PRO A 194 5.36 5.10 -19.58
C PRO A 194 4.64 4.88 -20.90
N ALA A 195 5.11 3.94 -21.71
CA ALA A 195 4.44 3.69 -22.99
C ALA A 195 3.01 3.14 -22.76
N ILE A 196 2.88 2.29 -21.77
CA ILE A 196 1.56 1.72 -21.43
C ILE A 196 0.66 2.80 -20.87
N LEU A 197 1.20 3.62 -19.99
CA LEU A 197 0.44 4.74 -19.44
C LEU A 197 -0.04 5.74 -20.51
N GLU A 198 0.75 5.96 -21.57
CA GLU A 198 0.19 6.80 -22.63
C GLU A 198 -0.90 6.12 -23.44
N GLU A 199 -0.78 4.81 -23.65
CA GLU A 199 -1.90 4.08 -24.26
C GLU A 199 -3.17 4.17 -23.38
N VAL A 200 -3.02 3.92 -22.10
CA VAL A 200 -4.15 4.07 -21.15
C VAL A 200 -4.77 5.46 -21.29
N ASP A 201 -3.93 6.48 -21.28
CA ASP A 201 -4.41 7.88 -21.39
C ASP A 201 -5.24 8.13 -22.66
N ARG A 202 -4.77 7.62 -23.80
CA ARG A 202 -5.50 7.74 -25.04
C ARG A 202 -6.87 7.05 -25.01
N GLU A 203 -6.94 5.90 -24.35
CA GLU A 203 -8.22 5.20 -24.24
C GLU A 203 -9.19 5.94 -23.33
N LEU A 204 -8.68 6.41 -22.19
CA LEU A 204 -9.53 7.09 -21.22
C LEU A 204 -10.10 8.37 -21.81
N ALA A 205 -9.29 9.05 -22.62
CA ALA A 205 -9.68 10.33 -23.23
C ALA A 205 -10.72 10.19 -24.33
N HIS A 206 -10.78 9.03 -24.96
CA HIS A 206 -11.61 8.86 -26.13
C HIS A 206 -12.88 8.06 -25.80
N CYS A 207 -12.90 7.41 -24.65
CA CYS A 207 -14.02 6.51 -24.36
C CYS A 207 -15.31 7.24 -24.05
N ASP A 208 -16.43 6.52 -24.16
CA ASP A 208 -17.74 7.11 -23.88
C ASP A 208 -18.55 6.29 -22.88
N LEU A 209 -17.96 5.21 -22.39
CA LEU A 209 -18.58 4.42 -21.33
C LEU A 209 -17.47 3.63 -20.66
N CYS A 210 -17.50 3.54 -19.33
CA CYS A 210 -16.42 2.87 -18.59
C CYS A 210 -17.00 1.95 -17.53
N LEU A 211 -16.48 0.74 -17.44
CA LEU A 211 -16.85 -0.18 -16.40
C LEU A 211 -15.65 -0.38 -15.52
N VAL A 212 -15.88 -0.43 -14.22
CA VAL A 212 -14.79 -0.71 -13.32
C VAL A 212 -15.16 -1.96 -12.54
N VAL A 213 -14.39 -3.02 -12.77
CA VAL A 213 -14.83 -4.36 -12.45
C VAL A 213 -13.87 -5.04 -11.49
N GLY A 214 -14.36 -5.35 -10.28
CA GLY A 214 -13.57 -6.14 -9.37
C GLY A 214 -12.27 -5.50 -8.91
N THR A 215 -12.29 -4.18 -8.75
CA THR A 215 -11.10 -3.52 -8.24
C THR A 215 -11.42 -2.72 -6.99
N SER A 216 -10.47 -2.70 -6.08
CA SER A 216 -10.69 -2.05 -4.78
C SER A 216 -10.63 -0.53 -4.89
N SER A 217 -10.18 -0.04 -6.03
CA SER A 217 -9.94 1.39 -6.23
C SER A 217 -9.02 2.00 -5.13
N VAL A 218 -8.08 1.20 -4.62
CA VAL A 218 -7.05 1.73 -3.71
C VAL A 218 -5.62 1.49 -4.17
N VAL A 219 -5.44 0.97 -5.37
CA VAL A 219 -4.11 0.82 -5.96
C VAL A 219 -3.92 1.90 -7.01
N TYR A 220 -2.96 2.79 -6.75
CA TYR A 220 -2.67 3.93 -7.60
C TYR A 220 -1.54 3.55 -8.57
N PRO A 221 -1.49 4.18 -9.75
CA PRO A 221 -2.46 5.18 -10.21
C PRO A 221 -3.73 4.62 -10.85
N ALA A 222 -3.86 3.30 -10.93
CA ALA A 222 -5.04 2.73 -11.60
C ALA A 222 -6.36 3.20 -10.97
N ALA A 223 -6.33 3.46 -9.67
CA ALA A 223 -7.52 3.88 -8.95
C ALA A 223 -8.06 5.21 -9.47
N MET A 224 -7.20 6.00 -10.10
CA MET A 224 -7.63 7.30 -10.57
C MET A 224 -8.17 7.27 -12.01
N PHE A 225 -8.05 6.13 -12.68
CA PHE A 225 -8.48 6.07 -14.09
C PHE A 225 -9.98 6.34 -14.25
N ALA A 226 -10.81 5.50 -13.64
CA ALA A 226 -12.26 5.68 -13.75
C ALA A 226 -12.74 7.02 -13.18
N PRO A 227 -12.20 7.46 -12.03
CA PRO A 227 -12.61 8.78 -11.54
C PRO A 227 -12.38 9.89 -12.56
N GLN A 228 -11.32 9.77 -13.35
CA GLN A 228 -10.96 10.76 -14.37
C GLN A 228 -11.95 10.77 -15.54
N VAL A 229 -12.43 9.61 -15.96
CA VAL A 229 -13.40 9.63 -17.04
CA VAL A 229 -13.42 9.54 -17.02
C VAL A 229 -14.74 10.14 -16.52
N ALA A 230 -15.08 9.81 -15.27
CA ALA A 230 -16.32 10.29 -14.68
C ALA A 230 -16.31 11.81 -14.52
N ALA A 231 -15.11 12.37 -14.34
CA ALA A 231 -14.93 13.81 -14.24
C ALA A 231 -15.22 14.50 -15.56
N ARG A 232 -14.96 13.76 -16.65
CA ARG A 232 -15.15 14.24 -18.00
C ARG A 232 -16.63 14.21 -18.38
N GLY A 233 -17.47 13.77 -17.46
CA GLY A 233 -18.89 13.60 -17.74
C GLY A 233 -19.32 12.26 -18.33
N VAL A 234 -18.43 11.27 -18.35
CA VAL A 234 -18.72 9.97 -18.92
C VAL A 234 -19.29 9.02 -17.86
N PRO A 235 -20.31 8.23 -18.23
CA PRO A 235 -20.90 7.26 -17.32
C PRO A 235 -19.91 6.16 -16.92
N VAL A 236 -19.82 5.90 -15.61
CA VAL A 236 -18.96 4.83 -15.11
C VAL A 236 -19.80 3.90 -14.29
N ALA A 237 -19.70 2.61 -14.61
CA ALA A 237 -20.44 1.58 -13.92
C ALA A 237 -19.50 0.64 -13.17
N GLU A 238 -19.70 0.54 -11.86
CA GLU A 238 -18.87 -0.29 -10.99
C GLU A 238 -19.49 -1.66 -10.73
N PHE A 239 -18.73 -2.72 -10.97
CA PHE A 239 -19.19 -4.08 -10.66
C PHE A 239 -18.26 -4.68 -9.62
N ASN A 240 -18.75 -4.80 -8.39
CA ASN A 240 -17.92 -5.28 -7.29
C ASN A 240 -18.80 -5.91 -6.20
N THR A 241 -18.22 -6.81 -5.41
CA THR A 241 -18.96 -7.42 -4.31
C THR A 241 -19.23 -6.43 -3.18
N GLU A 242 -18.39 -5.39 -3.09
CA GLU A 242 -18.53 -4.37 -2.05
C GLU A 242 -18.56 -2.98 -2.67
N THR A 243 -18.88 -1.96 -1.87
CA THR A 243 -18.59 -0.60 -2.26
C THR A 243 -17.11 -0.37 -2.00
N THR A 244 -16.55 0.68 -2.60
CA THR A 244 -15.13 0.98 -2.47
C THR A 244 -15.04 2.47 -2.23
N PRO A 245 -13.83 3.01 -1.94
CA PRO A 245 -13.68 4.45 -1.76
C PRO A 245 -14.14 5.30 -2.93
N ALA A 246 -14.11 4.73 -4.14
CA ALA A 246 -14.44 5.53 -5.31
C ALA A 246 -15.93 5.48 -5.65
N THR A 247 -16.68 4.61 -4.97
CA THR A 247 -18.05 4.28 -5.38
C THR A 247 -18.94 5.49 -5.73
N ASN A 248 -19.02 6.47 -4.84
CA ASN A 248 -19.86 7.65 -5.04
C ASN A 248 -19.43 8.59 -6.15
N ARG A 249 -18.27 8.32 -6.75
CA ARG A 249 -17.80 9.08 -7.91
C ARG A 249 -18.55 8.58 -9.15
N PHE A 250 -19.11 7.39 -9.07
CA PHE A 250 -19.56 6.69 -10.27
C PHE A 250 -21.04 6.81 -10.51
N ARG A 251 -21.46 6.65 -11.76
CA ARG A 251 -22.87 6.75 -12.10
C ARG A 251 -23.65 5.51 -11.70
N PHE A 252 -23.03 4.34 -11.80
CA PHE A 252 -23.72 3.10 -11.46
C PHE A 252 -22.87 2.23 -10.54
N HIS A 253 -23.55 1.47 -9.69
CA HIS A 253 -22.91 0.44 -8.89
C HIS A 253 -23.78 -0.80 -8.86
N PHE A 254 -23.23 -1.92 -9.32
CA PHE A 254 -23.94 -3.19 -9.33
C PHE A 254 -23.23 -4.18 -8.42
N GLN A 255 -23.85 -4.47 -7.28
CA GLN A 255 -23.21 -5.27 -6.24
C GLN A 255 -23.33 -6.75 -6.56
N GLY A 256 -22.35 -7.53 -6.14
CA GLY A 256 -22.41 -8.98 -6.36
C GLY A 256 -21.20 -9.46 -7.12
N PRO A 257 -21.07 -10.79 -7.28
CA PRO A 257 -19.98 -11.36 -8.07
C PRO A 257 -20.12 -10.91 -9.51
N CYS A 258 -19.03 -10.44 -10.13
CA CYS A 258 -19.13 -9.92 -11.49
C CYS A 258 -19.44 -11.04 -12.49
N GLY A 259 -19.05 -12.26 -12.16
CA GLY A 259 -19.45 -13.43 -12.93
C GLY A 259 -20.96 -13.61 -13.09
N THR A 260 -21.75 -13.05 -12.18
CA THR A 260 -23.20 -13.19 -12.26
C THR A 260 -23.89 -11.92 -12.73
N THR A 261 -23.20 -10.79 -12.68
CA THR A 261 -23.76 -9.52 -13.11
C THR A 261 -23.29 -9.10 -14.50
N LEU A 262 -22.03 -9.37 -14.81
CA LEU A 262 -21.50 -9.01 -16.13
C LEU A 262 -22.19 -9.63 -17.35
N PRO A 263 -22.49 -10.95 -17.31
CA PRO A 263 -23.09 -11.56 -18.52
C PRO A 263 -24.38 -10.87 -18.95
N GLU A 264 -25.21 -10.47 -17.99
CA GLU A 264 -26.46 -9.78 -18.31
C GLU A 264 -26.20 -8.34 -18.75
N ALA A 265 -25.34 -7.64 -18.00
CA ALA A 265 -24.89 -6.31 -18.35
C ALA A 265 -24.38 -6.18 -19.79
N LEU A 266 -23.56 -7.13 -20.21
CA LEU A 266 -22.84 -7.03 -21.49
C LEU A 266 -23.45 -7.79 -22.67
N ALA A 267 -24.66 -8.32 -22.52
CA ALA A 267 -25.26 -9.14 -23.58
C ALA A 267 -25.55 -8.34 -24.85
N PRO B 1 23.38 -11.37 11.31
CA PRO B 1 23.42 -10.10 12.06
C PRO B 1 23.61 -10.33 13.57
N SER B 2 24.45 -9.51 14.19
CA SER B 2 24.80 -9.69 15.59
C SER B 2 23.63 -9.43 16.54
N SER B 3 23.54 -10.24 17.58
CA SER B 3 22.54 -10.04 18.63
C SER B 3 23.21 -9.65 19.93
N SER B 4 24.48 -9.29 19.84
CA SER B 4 25.27 -8.93 21.01
C SER B 4 24.94 -7.53 21.54
N MET B 5 24.23 -7.49 22.67
CA MET B 5 23.87 -6.23 23.30
C MET B 5 25.10 -5.44 23.71
N ALA B 6 26.06 -6.11 24.35
CA ALA B 6 27.30 -5.47 24.79
C ALA B 6 28.04 -4.82 23.62
N ASP B 7 28.11 -5.53 22.50
CA ASP B 7 28.70 -4.98 21.28
C ASP B 7 27.99 -3.69 20.89
N PHE B 8 26.66 -3.73 20.84
CA PHE B 8 25.87 -2.56 20.48
C PHE B 8 26.17 -1.40 21.41
N ARG B 9 26.31 -1.72 22.70
CA ARG B 9 26.55 -0.70 23.71
C ARG B 9 27.85 0.07 23.48
N LYS B 10 28.88 -0.63 22.99
CA LYS B 10 30.14 0.03 22.64
C LYS B 10 29.90 1.09 21.57
N PHE B 11 29.16 0.73 20.54
CA PHE B 11 28.82 1.70 19.51
C PHE B 11 28.00 2.81 20.14
N PHE B 12 26.98 2.41 20.90
CA PHE B 12 26.05 3.33 21.52
C PHE B 12 26.74 4.31 22.47
N ALA B 13 27.76 3.82 23.17
CA ALA B 13 28.48 4.66 24.13
C ALA B 13 29.24 5.81 23.46
N LYS B 14 29.65 5.62 22.20
CA LYS B 14 30.49 6.61 21.51
C LYS B 14 29.81 7.35 20.35
N ALA B 15 28.61 6.92 19.97
CA ALA B 15 27.92 7.50 18.84
C ALA B 15 27.59 8.99 19.04
N LYS B 16 28.00 9.85 18.10
CA LYS B 16 27.77 11.29 18.26
C LYS B 16 26.43 11.78 17.67
N HIS B 17 25.93 11.05 16.67
CA HIS B 17 24.70 11.42 15.99
C HIS B 17 23.88 10.16 15.72
N ILE B 18 22.85 9.96 16.54
CA ILE B 18 22.05 8.76 16.49
C ILE B 18 20.69 9.08 15.90
N VAL B 19 20.28 8.33 14.88
CA VAL B 19 18.94 8.47 14.32
C VAL B 19 18.12 7.24 14.69
N ILE B 20 16.92 7.49 15.18
CA ILE B 20 16.01 6.41 15.53
C ILE B 20 14.74 6.49 14.67
N ILE B 21 14.55 5.48 13.84
CA ILE B 21 13.38 5.35 12.99
C ILE B 21 12.40 4.41 13.68
N SER B 22 11.14 4.82 13.79
CA SER B 22 10.10 4.01 14.44
C SER B 22 8.87 3.85 13.57
N GLY B 23 8.32 2.64 13.57
CA GLY B 23 7.08 2.35 12.88
C GLY B 23 5.99 1.97 13.87
N ALA B 24 4.95 1.33 13.33
CA ALA B 24 3.74 1.02 14.08
C ALA B 24 3.95 0.02 15.23
N GLY B 25 5.02 -0.79 15.12
CA GLY B 25 5.34 -1.78 16.13
C GLY B 25 5.60 -1.19 17.52
N VAL B 26 5.92 0.10 17.55
CA VAL B 26 6.16 0.81 18.80
C VAL B 26 4.84 1.24 19.45
N SER B 27 3.89 1.64 18.61
CA SER B 27 2.59 2.12 19.09
C SER B 27 1.69 0.96 19.50
N ALA B 28 1.85 -0.18 18.84
CA ALA B 28 1.05 -1.36 19.12
C ALA B 28 1.27 -1.85 20.54
N GLU B 29 2.48 -1.62 21.05
CA GLU B 29 2.82 -2.02 22.41
C GLU B 29 2.23 -1.08 23.45
N SER B 30 1.53 -0.05 22.99
CA SER B 30 0.85 0.90 23.88
C SER B 30 -0.67 0.77 23.80
N GLY B 31 -1.14 -0.27 23.13
CA GLY B 31 -2.57 -0.49 22.96
C GLY B 31 -3.13 0.14 21.71
N VAL B 32 -2.39 1.09 21.13
CA VAL B 32 -2.84 1.81 19.94
C VAL B 32 -3.12 0.90 18.75
N PRO B 33 -4.34 0.96 18.21
CA PRO B 33 -4.74 0.18 17.04
C PRO B 33 -3.93 0.61 15.83
N THR B 34 -3.49 -0.33 15.01
CA THR B 34 -2.64 0.02 13.87
C THR B 34 -3.20 -0.47 12.53
N PHE B 35 -2.88 0.27 11.47
CA PHE B 35 -3.26 -0.12 10.11
C PHE B 35 -2.60 -1.45 9.79
N ARG B 36 -3.37 -2.36 9.21
CA ARG B 36 -2.87 -3.68 8.85
C ARG B 36 -2.23 -4.39 10.03
N GLY B 37 -2.89 -4.32 11.19
CA GLY B 37 -2.56 -5.22 12.27
C GLY B 37 -3.02 -6.59 11.82
N ALA B 38 -3.22 -7.52 12.75
CA ALA B 38 -3.91 -8.73 12.37
C ALA B 38 -5.29 -8.25 11.93
N GLY B 39 -5.97 -7.56 12.84
CA GLY B 39 -7.22 -6.88 12.55
C GLY B 39 -6.99 -5.43 12.14
N GLY B 40 -6.63 -5.25 10.88
CA GLY B 40 -6.56 -3.92 10.28
C GLY B 40 -7.93 -3.55 9.72
N TYR B 41 -8.93 -3.62 10.59
CA TYR B 41 -10.30 -3.35 10.20
C TYR B 41 -10.95 -2.31 11.10
N TRP B 42 -11.78 -1.46 10.49
CA TRP B 42 -12.61 -0.53 11.22
C TRP B 42 -13.98 -0.67 10.58
N ARG B 43 -14.94 -1.15 11.38
CA ARG B 43 -16.23 -1.61 10.88
C ARG B 43 -16.01 -2.66 9.79
N LYS B 44 -16.76 -2.54 8.69
CA LYS B 44 -16.68 -3.51 7.61
C LYS B 44 -15.52 -3.21 6.67
N TRP B 45 -14.72 -2.20 7.00
CA TRP B 45 -13.71 -1.70 6.07
C TRP B 45 -12.27 -1.98 6.42
N GLN B 46 -11.48 -2.21 5.38
CA GLN B 46 -10.04 -2.33 5.51
C GLN B 46 -9.48 -0.96 5.83
N ALA B 47 -8.74 -0.85 6.94
CA ALA B 47 -8.33 0.44 7.46
C ALA B 47 -7.48 1.22 6.46
N GLN B 48 -6.64 0.51 5.74
CA GLN B 48 -5.78 1.12 4.74
C GLN B 48 -6.58 1.84 3.65
N ASP B 49 -7.76 1.30 3.32
CA ASP B 49 -8.64 1.92 2.31
C ASP B 49 -9.02 3.35 2.69
N LEU B 50 -9.23 3.60 3.97
CA LEU B 50 -9.71 4.91 4.38
C LEU B 50 -8.62 5.96 4.41
N ALA B 51 -7.35 5.51 4.43
CA ALA B 51 -6.23 6.42 4.42
C ALA B 51 -5.75 6.66 3.00
N THR B 52 -6.68 6.93 2.09
CA THR B 52 -6.36 7.20 0.68
C THR B 52 -7.11 8.46 0.24
N PRO B 53 -6.56 9.22 -0.70
CA PRO B 53 -7.22 10.48 -1.06
C PRO B 53 -8.62 10.28 -1.66
N LEU B 54 -8.85 9.20 -2.39
CA LEU B 54 -10.19 8.99 -2.95
C LEU B 54 -11.24 8.80 -1.85
N ALA B 55 -10.84 8.24 -0.72
CA ALA B 55 -11.84 7.98 0.32
C ALA B 55 -12.41 9.29 0.86
N PHE B 56 -11.53 10.23 1.17
CA PHE B 56 -11.99 11.49 1.75
C PHE B 56 -12.68 12.33 0.68
N ALA B 57 -12.18 12.25 -0.55
CA ALA B 57 -12.78 13.02 -1.63
C ALA B 57 -14.26 12.67 -1.87
N HIS B 58 -14.66 11.43 -1.60
CA HIS B 58 -16.00 10.98 -1.94
C HIS B 58 -16.83 10.51 -0.76
N ASN B 59 -16.21 10.49 0.42
CA ASN B 59 -16.95 10.22 1.65
C ASN B 59 -16.25 10.84 2.85
N PRO B 60 -16.15 12.18 2.88
CA PRO B 60 -15.43 12.85 3.96
C PRO B 60 -16.02 12.56 5.34
N SER B 61 -17.30 12.25 5.41
CA SER B 61 -17.91 11.95 6.70
C SER B 61 -17.40 10.62 7.27
N ARG B 62 -17.35 9.59 6.44
CA ARG B 62 -16.86 8.30 6.91
C ARG B 62 -15.38 8.38 7.28
N VAL B 63 -14.59 9.11 6.51
CA VAL B 63 -13.16 9.26 6.83
C VAL B 63 -13.02 10.04 8.14
N TRP B 64 -13.84 11.07 8.32
CA TRP B 64 -13.76 11.85 9.55
C TRP B 64 -14.15 11.01 10.78
N GLU B 65 -15.15 10.14 10.62
CA GLU B 65 -15.55 9.20 11.68
C GLU B 65 -14.39 8.31 12.08
N PHE B 66 -13.75 7.71 11.08
CA PHE B 66 -12.55 6.89 11.26
C PHE B 66 -11.48 7.67 12.01
N TYR B 67 -11.14 8.86 11.55
CA TYR B 67 -10.11 9.62 12.24
C TYR B 67 -10.59 10.15 13.61
N HIS B 68 -11.89 10.38 13.74
CA HIS B 68 -12.43 10.76 15.04
C HIS B 68 -12.22 9.63 16.05
N TYR B 69 -12.61 8.42 15.67
CA TYR B 69 -12.42 7.25 16.52
C TYR B 69 -10.97 7.13 16.99
N ARG B 70 -10.04 7.22 16.06
CA ARG B 70 -8.63 7.11 16.38
C ARG B 70 -8.15 8.25 17.26
N ARG B 71 -8.69 9.45 17.05
CA ARG B 71 -8.32 10.56 17.94
C ARG B 71 -8.76 10.27 19.38
N GLU B 72 -9.96 9.73 19.52
CA GLU B 72 -10.56 9.48 20.84
C GLU B 72 -9.90 8.31 21.58
N VAL B 73 -9.59 7.24 20.85
CA VAL B 73 -8.94 6.08 21.45
C VAL B 73 -7.59 6.43 22.10
N MET B 74 -6.87 7.36 21.47
CA MET B 74 -5.58 7.82 21.98
C MET B 74 -5.60 8.36 23.41
N GLY B 75 -6.72 8.94 23.81
CA GLY B 75 -6.85 9.55 25.12
C GLY B 75 -6.53 8.60 26.26
N SER B 76 -6.78 7.32 26.04
CA SER B 76 -6.48 6.30 27.03
C SER B 76 -5.00 5.93 27.00
N LYS B 77 -4.42 5.97 25.80
CA LYS B 77 -3.10 5.41 25.55
C LYS B 77 -1.96 6.29 26.07
N GLU B 78 -0.94 5.65 26.62
CA GLU B 78 0.24 6.34 27.08
C GLU B 78 1.49 5.71 26.43
N PRO B 79 2.62 6.44 26.42
CA PRO B 79 3.90 5.91 25.94
C PRO B 79 4.30 4.62 26.66
N ASN B 80 4.80 3.63 25.93
CA ASN B 80 5.33 2.43 26.60
C ASN B 80 6.79 2.62 26.97
N ALA B 81 7.43 1.56 27.48
CA ALA B 81 8.81 1.63 27.93
C ALA B 81 9.75 1.96 26.76
N GLY B 82 9.39 1.48 25.58
CA GLY B 82 10.12 1.81 24.37
C GLY B 82 10.11 3.30 24.13
N HIS B 83 8.92 3.89 24.10
CA HIS B 83 8.79 5.34 23.95
C HIS B 83 9.64 6.07 24.99
N ARG B 84 9.53 5.65 26.25
CA ARG B 84 10.23 6.35 27.32
C ARG B 84 11.75 6.22 27.26
N ALA B 85 12.25 5.02 26.93
CA ALA B 85 13.68 4.81 26.76
C ALA B 85 14.25 5.73 25.69
N ILE B 86 13.51 5.88 24.60
CA ILE B 86 13.97 6.66 23.46
C ILE B 86 14.09 8.13 23.84
N ALA B 87 13.10 8.62 24.58
CA ALA B 87 13.07 10.03 24.95
C ALA B 87 14.10 10.33 26.04
N GLU B 88 14.21 9.41 27.00
CA GLU B 88 15.18 9.55 28.08
C GLU B 88 16.59 9.65 27.50
N CYS B 89 16.86 8.84 26.50
CA CYS B 89 18.17 8.79 25.88
C CYS B 89 18.50 10.10 25.15
N GLU B 90 17.51 10.69 24.51
CA GLU B 90 17.71 11.96 23.80
C GLU B 90 18.16 13.06 24.75
N THR B 91 17.46 13.20 25.87
CA THR B 91 17.77 14.20 26.88
C THR B 91 19.18 14.01 27.44
N ARG B 92 19.48 12.78 27.83
CA ARG B 92 20.75 12.45 28.47
C ARG B 92 21.93 12.72 27.53
N LEU B 93 21.81 12.25 26.29
CA LEU B 93 22.90 12.40 25.34
C LEU B 93 23.05 13.86 24.89
N GLY B 94 21.94 14.57 24.87
CA GLY B 94 21.95 15.98 24.49
C GLY B 94 22.75 16.79 25.50
N LYS B 95 22.61 16.45 26.78
CA LYS B 95 23.38 17.08 27.85
C LYS B 95 24.87 16.81 27.63
N GLN B 96 25.16 15.63 27.07
CA GLN B 96 26.54 15.24 26.80
C GLN B 96 27.03 15.78 25.45
N GLY B 97 26.20 16.61 24.81
CA GLY B 97 26.55 17.18 23.52
C GLY B 97 26.40 16.23 22.35
N ARG B 98 25.71 15.12 22.57
CA ARG B 98 25.47 14.15 21.51
C ARG B 98 24.04 14.32 20.98
N ARG B 99 23.87 14.20 19.67
CA ARG B 99 22.55 14.45 19.07
C ARG B 99 21.76 13.17 18.85
N VAL B 100 20.51 13.18 19.31
CA VAL B 100 19.57 12.10 19.06
C VAL B 100 18.29 12.59 18.39
N VAL B 101 17.91 11.97 17.27
CA VAL B 101 16.73 12.38 16.48
C VAL B 101 15.84 11.19 16.16
N VAL B 102 14.53 11.39 16.32
CA VAL B 102 13.57 10.35 16.03
C VAL B 102 12.82 10.68 14.74
N ILE B 103 12.81 9.72 13.83
CA ILE B 103 12.04 9.87 12.61
C ILE B 103 10.90 8.85 12.71
N THR B 104 9.68 9.32 12.88
CA THR B 104 8.58 8.36 13.03
C THR B 104 7.56 8.34 11.91
N GLN B 105 7.19 7.12 11.54
CA GLN B 105 6.09 6.85 10.62
C GLN B 105 4.73 7.00 11.29
N ASN B 106 4.71 7.04 12.61
CA ASN B 106 3.45 7.03 13.36
C ASN B 106 2.83 8.42 13.48
N ILE B 107 1.51 8.47 13.53
CA ILE B 107 0.81 9.74 13.62
C ILE B 107 0.14 9.95 14.98
N ASP B 108 0.46 9.09 15.94
CA ASP B 108 -0.27 9.09 17.21
C ASP B 108 0.34 10.01 18.27
N GLU B 109 1.52 10.56 17.95
CA GLU B 109 2.21 11.51 18.82
C GLU B 109 2.70 10.97 20.18
N LEU B 110 2.69 9.65 20.36
CA LEU B 110 3.19 9.05 21.60
C LEU B 110 4.67 9.37 21.88
N HIS B 111 5.45 9.63 20.84
CA HIS B 111 6.84 10.06 21.03
C HIS B 111 6.87 11.44 21.68
N ARG B 112 6.02 12.32 21.18
CA ARG B 112 5.96 13.69 21.66
C ARG B 112 5.54 13.70 23.13
N LYS B 113 4.63 12.81 23.48
CA LYS B 113 4.11 12.72 24.84
C LYS B 113 5.15 12.16 25.80
N ALA B 114 5.98 11.25 25.29
CA ALA B 114 7.03 10.68 26.13
C ALA B 114 8.13 11.69 26.39
N GLY B 115 8.09 12.80 25.66
CA GLY B 115 9.05 13.88 25.90
C GLY B 115 10.07 14.07 24.79
N THR B 116 9.99 13.25 23.73
CA THR B 116 10.89 13.40 22.61
C THR B 116 10.82 14.82 22.02
N LYS B 117 11.97 15.43 21.81
CA LYS B 117 12.03 16.79 21.28
C LYS B 117 12.48 16.85 19.81
N ASN B 118 13.50 16.09 19.46
CA ASN B 118 13.96 16.04 18.07
C ASN B 118 13.14 15.00 17.33
N LEU B 119 12.03 15.47 16.74
CA LEU B 119 11.09 14.54 16.17
C LEU B 119 10.64 15.01 14.79
N LEU B 120 10.69 14.08 13.84
CA LEU B 120 10.25 14.31 12.48
C LEU B 120 9.09 13.35 12.27
N GLU B 121 7.87 13.89 12.28
CA GLU B 121 6.68 13.08 12.06
C GLU B 121 6.39 13.11 10.57
N ILE B 122 6.89 12.11 9.85
CA ILE B 122 6.91 12.21 8.37
C ILE B 122 5.55 11.99 7.71
N HIS B 123 4.59 11.48 8.48
CA HIS B 123 3.27 11.21 7.94
C HIS B 123 2.18 12.11 8.56
N GLY B 124 2.60 13.15 9.26
CA GLY B 124 1.66 14.09 9.84
C GLY B 124 1.20 13.63 11.22
N SER B 125 0.01 14.08 11.62
CA SER B 125 -0.46 13.85 12.99
C SER B 125 -1.97 13.79 12.99
N LEU B 126 -2.56 12.84 13.72
CA LEU B 126 -4.01 12.88 13.84
C LEU B 126 -4.51 14.06 14.69
N PHE B 127 -3.59 14.72 15.41
CA PHE B 127 -3.96 15.91 16.14
C PHE B 127 -3.53 17.21 15.44
N LYS B 128 -3.59 17.18 14.11
CA LYS B 128 -3.46 18.39 13.32
C LYS B 128 -4.51 18.38 12.21
N THR B 129 -4.99 19.55 11.84
CA THR B 129 -5.90 19.64 10.71
C THR B 129 -5.23 20.43 9.61
N ARG B 130 -5.71 20.21 8.38
CA ARG B 130 -5.32 21.09 7.30
C ARG B 130 -6.55 21.53 6.54
N CYS B 131 -6.56 22.79 6.12
CA CYS B 131 -7.74 23.29 5.41
C CYS B 131 -7.65 23.03 3.91
N THR B 132 -8.68 22.39 3.36
CA THR B 132 -8.66 22.06 1.94
C THR B 132 -8.82 23.29 1.06
N SER B 133 -9.33 24.38 1.64
CA SER B 133 -9.46 25.64 0.91
C SER B 133 -8.20 26.51 1.01
N CYS B 134 -7.83 26.94 2.21
CA CYS B 134 -6.72 27.88 2.36
C CYS B 134 -5.37 27.24 2.65
N GLY B 135 -5.38 25.96 3.03
CA GLY B 135 -4.15 25.23 3.23
C GLY B 135 -3.51 25.41 4.59
N VAL B 136 -4.17 26.17 5.46
CA VAL B 136 -3.63 26.38 6.80
C VAL B 136 -3.59 25.09 7.61
N VAL B 137 -2.49 24.88 8.32
CA VAL B 137 -2.31 23.72 9.17
C VAL B 137 -2.42 24.15 10.64
N ALA B 138 -3.24 23.45 11.43
CA ALA B 138 -3.40 23.84 12.83
C ALA B 138 -3.36 22.64 13.79
N GLU B 139 -2.85 22.86 15.00
CA GLU B 139 -2.98 21.82 16.01
C GLU B 139 -4.44 21.74 16.39
N ASN B 140 -4.91 20.53 16.70
CA ASN B 140 -6.30 20.34 17.13
C ASN B 140 -6.42 19.09 17.97
N TYR B 141 -6.68 19.28 19.26
CA TYR B 141 -6.86 18.16 20.18
C TYR B 141 -8.30 18.11 20.73
N LYS B 142 -9.17 18.96 20.20
N LYS B 142 -9.17 18.95 20.19
CA LYS B 142 -10.53 19.09 20.75
CA LYS B 142 -10.54 19.07 20.68
C LYS B 142 -11.33 17.79 20.69
C LYS B 142 -11.26 17.72 20.70
N SER B 143 -11.96 17.45 21.81
CA SER B 143 -12.72 16.22 21.92
C SER B 143 -14.15 16.53 22.33
N PRO B 144 -15.12 16.33 21.40
CA PRO B 144 -14.92 15.87 20.02
C PRO B 144 -14.52 17.03 19.10
N ILE B 145 -13.87 16.73 17.97
CA ILE B 145 -13.37 17.79 17.08
C ILE B 145 -14.51 18.66 16.54
N CYS B 146 -15.68 18.07 16.39
CA CYS B 146 -16.88 18.83 16.09
C CYS B 146 -18.07 18.13 16.76
N PRO B 147 -19.11 18.89 17.12
CA PRO B 147 -20.20 18.26 17.86
C PRO B 147 -20.91 17.14 17.08
N ALA B 148 -20.95 17.22 15.76
CA ALA B 148 -21.59 16.17 14.96
C ALA B 148 -20.90 14.81 15.09
N LEU B 149 -19.62 14.82 15.46
CA LEU B 149 -18.89 13.58 15.65
C LEU B 149 -19.06 12.97 17.03
N SER B 150 -19.74 13.68 17.92
CA SER B 150 -19.93 13.21 19.29
C SER B 150 -20.51 11.80 19.35
N GLY B 151 -19.80 10.90 20.04
CA GLY B 151 -20.20 9.52 20.15
C GLY B 151 -20.20 8.72 18.85
N LYS B 152 -19.63 9.28 17.79
CA LYS B 152 -19.60 8.60 16.51
C LYS B 152 -18.29 7.85 16.29
N GLY B 153 -18.15 7.21 15.13
CA GLY B 153 -16.94 6.47 14.80
C GLY B 153 -16.80 5.13 15.49
N ALA B 154 -17.91 4.58 15.98
CA ALA B 154 -17.91 3.27 16.60
C ALA B 154 -17.36 2.25 15.61
N PRO B 155 -16.38 1.44 16.05
CA PRO B 155 -15.61 0.56 15.17
C PRO B 155 -16.23 -0.80 14.90
N GLU B 156 -17.26 -1.19 15.66
CA GLU B 156 -17.87 -2.50 15.50
C GLU B 156 -18.46 -2.68 14.10
N PRO B 157 -18.18 -3.84 13.48
CA PRO B 157 -18.77 -4.16 12.19
C PRO B 157 -20.29 -4.12 12.31
N GLY B 158 -20.95 -3.43 11.39
CA GLY B 158 -22.40 -3.32 11.45
C GLY B 158 -22.86 -1.94 11.88
N THR B 159 -21.94 -1.14 12.41
CA THR B 159 -22.24 0.26 12.71
C THR B 159 -22.58 0.96 11.40
N GLN B 160 -23.56 1.87 11.43
CA GLN B 160 -23.99 2.55 10.22
C GLN B 160 -23.32 3.92 10.10
N ASP B 161 -23.07 4.33 8.86
CA ASP B 161 -22.44 5.62 8.57
C ASP B 161 -23.23 6.74 9.22
N ALA B 162 -22.51 7.60 9.95
CA ALA B 162 -23.09 8.78 10.57
C ALA B 162 -23.71 9.67 9.49
N SER B 163 -23.12 9.64 8.30
CA SER B 163 -23.58 10.44 7.17
C SER B 163 -23.78 11.91 7.54
N ILE B 164 -22.79 12.47 8.22
CA ILE B 164 -22.79 13.88 8.56
C ILE B 164 -22.63 14.73 7.31
N PRO B 165 -23.49 15.75 7.13
CA PRO B 165 -23.34 16.66 5.99
C PRO B 165 -22.04 17.45 6.09
N VAL B 166 -21.42 17.75 4.94
CA VAL B 166 -20.07 18.31 4.94
C VAL B 166 -19.97 19.62 5.72
N GLU B 167 -21.08 20.34 5.85
CA GLU B 167 -21.06 21.59 6.58
C GLU B 167 -20.95 21.38 8.09
N LYS B 168 -21.35 20.20 8.56
CA LYS B 168 -21.26 19.89 9.99
C LYS B 168 -19.98 19.11 10.35
N LEU B 169 -19.11 18.92 9.36
CA LEU B 169 -17.78 18.37 9.56
C LEU B 169 -16.87 19.53 9.97
N PRO B 170 -15.65 19.25 10.49
CA PRO B 170 -14.80 20.36 10.97
C PRO B 170 -14.50 21.39 9.89
N ARG B 171 -14.71 22.67 10.20
CA ARG B 171 -14.48 23.73 9.21
C ARG B 171 -13.38 24.70 9.63
N CYS B 172 -12.80 25.39 8.64
CA CYS B 172 -11.71 26.31 8.89
C CYS B 172 -12.23 27.52 9.65
N GLU B 173 -11.47 27.97 10.64
CA GLU B 173 -11.87 29.14 11.42
C GLU B 173 -10.78 30.21 11.35
N GLU B 174 -9.89 30.07 10.38
CA GLU B 174 -8.83 31.05 10.15
C GLU B 174 -9.33 32.12 9.20
N ALA B 175 -9.46 33.34 9.71
CA ALA B 175 -9.93 34.47 8.91
C ALA B 175 -11.29 34.21 8.25
N GLY B 176 -12.21 33.62 9.01
CA GLY B 176 -13.54 33.29 8.49
C GLY B 176 -13.55 32.47 7.21
N CYS B 177 -12.52 31.63 7.03
CA CYS B 177 -12.38 30.83 5.80
C CYS B 177 -13.59 29.92 5.56
N GLY B 178 -13.91 29.11 6.55
CA GLY B 178 -15.06 28.23 6.44
C GLY B 178 -14.89 26.98 5.59
N GLY B 179 -13.70 26.81 5.00
CA GLY B 179 -13.42 25.62 4.20
C GLY B 179 -13.52 24.31 4.98
N LEU B 180 -13.66 23.20 4.26
CA LEU B 180 -13.66 21.88 4.87
C LEU B 180 -12.25 21.52 5.36
N LEU B 181 -12.16 21.05 6.61
CA LEU B 181 -10.89 20.56 7.14
C LEU B 181 -10.73 19.06 6.92
N ARG B 182 -9.49 18.65 6.62
CA ARG B 182 -9.09 17.24 6.62
C ARG B 182 -8.05 16.99 7.71
N PRO B 183 -7.86 15.72 8.09
CA PRO B 183 -6.73 15.42 8.98
C PRO B 183 -5.44 15.74 8.25
N HIS B 184 -4.51 16.36 8.95
CA HIS B 184 -3.21 16.67 8.39
C HIS B 184 -2.35 15.42 8.52
N VAL B 185 -2.73 14.40 7.75
CA VAL B 185 -2.10 13.09 7.78
C VAL B 185 -1.75 12.78 6.34
N VAL B 186 -0.57 12.21 6.09
CA VAL B 186 -0.22 11.84 4.70
C VAL B 186 -0.89 10.53 4.34
N TRP B 187 -1.71 10.55 3.30
CA TRP B 187 -2.39 9.32 2.91
C TRP B 187 -1.58 8.57 1.86
N PHE B 188 -1.85 7.28 1.73
CA PHE B 188 -1.19 6.45 0.72
C PHE B 188 -1.53 6.99 -0.66
N GLY B 189 -0.51 7.21 -1.48
CA GLY B 189 -0.70 7.80 -2.80
C GLY B 189 -0.47 9.30 -2.79
N GLU B 190 -0.26 9.88 -1.62
CA GLU B 190 0.05 11.31 -1.54
C GLU B 190 1.54 11.53 -1.27
N ASN B 191 2.05 12.71 -1.64
CA ASN B 191 3.46 13.06 -1.42
C ASN B 191 3.73 13.50 0.01
N LEU B 192 4.85 13.06 0.57
CA LEU B 192 5.28 13.56 1.87
C LEU B 192 5.76 15.00 1.71
N ASP B 193 5.81 15.73 2.82
CA ASP B 193 6.23 17.13 2.84
C ASP B 193 7.71 17.19 2.43
N PRO B 194 8.02 17.94 1.36
CA PRO B 194 9.40 17.93 0.86
C PRO B 194 10.37 18.59 1.83
N ALA B 195 9.89 19.53 2.64
CA ALA B 195 10.76 20.23 3.58
C ALA B 195 11.13 19.29 4.72
N ILE B 196 10.19 18.42 5.09
CA ILE B 196 10.45 17.46 6.14
C ILE B 196 11.42 16.39 5.65
N LEU B 197 11.21 15.94 4.41
CA LEU B 197 12.11 14.95 3.82
C LEU B 197 13.55 15.49 3.65
N GLU B 198 13.69 16.78 3.40
CA GLU B 198 15.01 17.41 3.40
C GLU B 198 15.68 17.23 4.75
N GLU B 199 14.92 17.50 5.82
N GLU B 199 14.92 17.49 5.82
CA GLU B 199 15.41 17.31 7.19
CA GLU B 199 15.41 17.32 7.19
C GLU B 199 15.82 15.87 7.42
C GLU B 199 15.81 15.87 7.44
N VAL B 200 14.96 14.94 7.01
CA VAL B 200 15.23 13.52 7.12
C VAL B 200 16.53 13.14 6.41
N ASP B 201 16.67 13.60 5.16
CA ASP B 201 17.84 13.24 4.37
C ASP B 201 19.11 13.72 5.06
N ARG B 202 19.07 14.92 5.62
CA ARG B 202 20.23 15.44 6.32
C ARG B 202 20.61 14.58 7.52
N GLU B 203 19.62 14.17 8.32
CA GLU B 203 19.88 13.34 9.50
C GLU B 203 20.43 11.97 9.12
N LEU B 204 19.85 11.35 8.11
CA LEU B 204 20.35 10.07 7.65
C LEU B 204 21.75 10.15 7.05
N ALA B 205 22.09 11.28 6.43
CA ALA B 205 23.38 11.35 5.73
C ALA B 205 24.53 11.57 6.71
N HIS B 206 24.21 12.14 7.86
CA HIS B 206 25.21 12.56 8.83
C HIS B 206 25.30 11.70 10.09
N CYS B 207 24.35 10.80 10.29
CA CYS B 207 24.35 9.99 11.51
C CYS B 207 25.49 8.97 11.54
N ASP B 208 25.95 8.64 12.75
CA ASP B 208 26.97 7.61 12.90
C ASP B 208 26.45 6.33 13.52
N LEU B 209 25.15 6.32 13.82
CA LEU B 209 24.49 5.12 14.31
C LEU B 209 22.99 5.27 14.08
N CYS B 210 22.35 4.19 13.64
CA CYS B 210 20.95 4.23 13.30
C CYS B 210 20.19 3.08 13.92
N LEU B 211 19.12 3.41 14.65
CA LEU B 211 18.24 2.39 15.18
C LEU B 211 16.97 2.39 14.36
N VAL B 212 16.47 1.20 14.03
CA VAL B 212 15.19 1.11 13.35
C VAL B 212 14.23 0.18 14.12
N VAL B 213 13.15 0.77 14.60
CA VAL B 213 12.31 0.12 15.59
C VAL B 213 10.87 -0.09 15.14
N GLY B 214 10.39 -1.32 15.28
CA GLY B 214 8.99 -1.63 15.02
C GLY B 214 8.50 -1.35 13.61
N THR B 215 9.37 -1.48 12.63
CA THR B 215 9.02 -1.20 11.24
C THR B 215 9.09 -2.49 10.45
N SER B 216 7.94 -3.05 10.11
CA SER B 216 7.92 -4.37 9.50
C SER B 216 7.24 -4.34 8.13
N SER B 217 6.32 -3.42 7.94
CA SER B 217 5.70 -3.27 6.63
C SER B 217 6.59 -2.42 5.72
N VAL B 218 6.67 -2.80 4.46
CA VAL B 218 7.43 -2.04 3.49
C VAL B 218 6.56 -0.88 3.02
N VAL B 219 6.75 0.29 3.61
CA VAL B 219 6.09 1.49 3.15
C VAL B 219 7.14 2.53 2.79
N TYR B 220 7.16 2.89 1.52
CA TYR B 220 8.07 3.89 1.03
C TYR B 220 7.50 5.28 1.34
N PRO B 221 8.38 6.29 1.44
CA PRO B 221 9.85 6.16 1.36
C PRO B 221 10.54 5.69 2.65
N ALA B 222 9.83 5.65 3.77
CA ALA B 222 10.46 5.29 5.03
C ALA B 222 11.20 3.95 4.98
N ALA B 223 10.63 2.96 4.27
CA ALA B 223 11.23 1.63 4.21
C ALA B 223 12.67 1.60 3.68
N MET B 224 13.09 2.62 2.95
N MET B 224 13.06 2.65 2.95
CA MET B 224 14.45 2.58 2.46
CA MET B 224 14.41 2.69 2.39
C MET B 224 15.45 3.35 3.34
C MET B 224 15.41 3.49 3.25
N PHE B 225 14.95 4.02 4.38
CA PHE B 225 15.77 4.86 5.25
C PHE B 225 16.95 4.11 5.89
N ALA B 226 16.65 3.08 6.67
CA ALA B 226 17.69 2.29 7.34
C ALA B 226 18.57 1.49 6.37
N PRO B 227 17.97 0.84 5.34
CA PRO B 227 18.85 0.23 4.34
C PRO B 227 19.90 1.19 3.76
N GLN B 228 19.52 2.44 3.54
CA GLN B 228 20.42 3.40 2.95
C GLN B 228 21.54 3.77 3.92
N VAL B 229 21.22 3.84 5.19
CA VAL B 229 22.24 4.08 6.20
C VAL B 229 23.21 2.92 6.23
N ALA B 230 22.67 1.71 6.20
CA ALA B 230 23.49 0.50 6.16
C ALA B 230 24.35 0.49 4.90
N ALA B 231 23.73 0.84 3.77
CA ALA B 231 24.42 0.82 2.49
C ALA B 231 25.55 1.84 2.45
N ARG B 232 25.47 2.85 3.30
CA ARG B 232 26.54 3.84 3.40
C ARG B 232 27.67 3.32 4.30
N GLY B 233 27.42 2.22 5.01
CA GLY B 233 28.45 1.59 5.81
C GLY B 233 28.38 1.91 7.29
N VAL B 234 27.28 2.53 7.70
CA VAL B 234 27.07 2.94 9.08
C VAL B 234 26.31 1.85 9.82
N PRO B 235 26.66 1.61 11.08
CA PRO B 235 26.00 0.57 11.88
C PRO B 235 24.50 0.84 12.07
N VAL B 236 23.68 -0.14 11.74
CA VAL B 236 22.27 -0.05 11.99
C VAL B 236 21.86 -1.21 12.88
N ALA B 237 21.11 -0.89 13.95
CA ALA B 237 20.55 -1.88 14.85
C ALA B 237 19.04 -1.96 14.71
N GLU B 238 18.54 -3.15 14.37
CA GLU B 238 17.11 -3.36 14.22
C GLU B 238 16.48 -3.93 15.51
N PHE B 239 15.35 -3.36 15.90
CA PHE B 239 14.59 -3.81 17.05
C PHE B 239 13.15 -4.03 16.66
N ASN B 240 12.74 -5.30 16.57
N ASN B 240 12.74 -5.29 16.56
CA ASN B 240 11.32 -5.64 16.46
CA ASN B 240 11.31 -5.66 16.53
C ASN B 240 11.06 -7.15 16.56
C ASN B 240 11.06 -7.15 16.63
N THR B 241 9.77 -7.50 16.68
CA THR B 241 9.34 -8.88 16.90
C THR B 241 9.69 -9.83 15.77
N GLU B 242 10.00 -9.30 14.60
CA GLU B 242 10.25 -10.13 13.44
C GLU B 242 11.32 -9.55 12.53
N THR B 243 11.73 -10.34 11.53
CA THR B 243 12.72 -9.87 10.58
C THR B 243 12.07 -9.10 9.44
N THR B 244 12.89 -8.36 8.69
CA THR B 244 12.40 -7.56 7.57
C THR B 244 13.31 -7.79 6.36
N PRO B 245 12.87 -7.36 5.17
CA PRO B 245 13.70 -7.48 3.96
C PRO B 245 15.19 -7.23 4.16
N ALA B 246 15.58 -6.12 4.79
CA ALA B 246 16.99 -5.78 4.89
C ALA B 246 17.69 -6.24 6.17
N THR B 247 17.01 -7.02 7.00
CA THR B 247 17.55 -7.49 8.28
C THR B 247 19.02 -7.93 8.23
N ASN B 248 19.37 -8.73 7.24
CA ASN B 248 20.74 -9.25 7.16
C ASN B 248 21.81 -8.22 6.81
N ARG B 249 21.39 -7.09 6.25
CA ARG B 249 22.33 -6.01 5.98
C ARG B 249 22.64 -5.20 7.25
N PHE B 250 21.82 -5.40 8.29
CA PHE B 250 21.96 -4.60 9.50
C PHE B 250 23.04 -5.17 10.43
N ARG B 251 23.72 -4.28 11.14
CA ARG B 251 24.82 -4.70 12.02
C ARG B 251 24.30 -5.45 13.24
N PHE B 252 23.12 -5.05 13.74
CA PHE B 252 22.52 -5.71 14.89
C PHE B 252 21.04 -6.03 14.66
N HIS B 253 20.55 -7.13 15.21
CA HIS B 253 19.13 -7.41 15.19
C HIS B 253 18.70 -8.01 16.52
N PHE B 254 17.85 -7.28 17.24
CA PHE B 254 17.38 -7.70 18.56
C PHE B 254 15.90 -8.08 18.51
N GLN B 255 15.63 -9.39 18.61
CA GLN B 255 14.28 -9.90 18.49
C GLN B 255 13.45 -9.59 19.74
N GLY B 256 12.14 -9.56 19.58
CA GLY B 256 11.25 -9.39 20.71
C GLY B 256 10.69 -7.98 20.84
N PRO B 257 9.63 -7.82 21.65
CA PRO B 257 8.96 -6.56 21.95
C PRO B 257 9.96 -5.45 22.23
N CYS B 258 9.78 -4.31 21.58
N CYS B 258 9.78 -4.31 21.58
CA CYS B 258 10.70 -3.19 21.70
CA CYS B 258 10.71 -3.18 21.70
C CYS B 258 10.68 -2.57 23.09
C CYS B 258 10.67 -2.53 23.08
N GLY B 259 9.57 -2.74 23.80
CA GLY B 259 9.44 -2.21 25.14
C GLY B 259 10.40 -2.91 26.10
N THR B 260 10.78 -4.13 25.73
CA THR B 260 11.70 -4.96 26.50
C THR B 260 13.17 -4.70 26.14
N THR B 261 13.47 -4.70 24.85
CA THR B 261 14.86 -4.60 24.37
C THR B 261 15.45 -3.19 24.46
N LEU B 262 14.64 -2.18 24.15
CA LEU B 262 15.12 -0.80 24.10
C LEU B 262 15.65 -0.24 25.43
N PRO B 263 14.90 -0.39 26.53
CA PRO B 263 15.43 0.16 27.79
C PRO B 263 16.83 -0.37 28.12
N GLU B 264 17.04 -1.66 27.93
CA GLU B 264 18.34 -2.26 28.14
C GLU B 264 19.41 -1.67 27.21
N ALA B 265 19.07 -1.54 25.93
CA ALA B 265 20.02 -1.05 24.93
C ALA B 265 20.33 0.45 25.05
N LEU B 266 19.36 1.22 25.55
CA LEU B 266 19.49 2.67 25.59
C LEU B 266 19.83 3.17 26.99
N ALA B 267 19.96 2.23 27.92
CA ALA B 267 20.29 2.55 29.31
C ALA B 267 21.65 3.23 29.42
C ACE C 1 5.33 8.56 -12.54
O ACE C 1 4.53 9.37 -12.07
CH3 ACE C 1 6.76 8.96 -12.76
N ALA C 2 4.55 7.51 -13.05
CA ALA C 2 3.54 7.14 -12.06
C ALA C 2 3.93 5.86 -11.32
N VAL C 3 4.03 5.98 -10.02
CA VAL C 3 4.48 4.90 -9.18
C VAL C 3 3.31 4.04 -8.71
C SLL C 4 2.40 1.85 -6.77
N SLL C 4 3.47 2.72 -8.77
O SLL C 4 3.40 1.54 -6.09
CA SLL C 4 2.44 1.78 -8.27
CB SLL C 4 2.73 0.35 -8.73
CD SLL C 4 1.98 -2.01 -8.81
CE SLL C 4 0.84 -3.00 -8.62
CG SLL C 4 1.56 -0.59 -8.44
CK SLL C 4 0.95 -6.67 -9.54
CL SLL C 4 1.66 -7.33 -8.36
CP SLL C 4 1.20 -8.75 -8.12
CX SLL C 4 0.43 -5.37 -8.99
OX SLL C 4 -0.70 -5.28 -8.55
NZ SLL C 4 1.27 -4.34 -8.98
OP1 SLL C 4 0.04 -9.11 -8.32
OP2 SLL C 4 2.08 -9.62 -7.66
N CYS C 5 1.25 2.25 -6.22
N CYS C 5 1.25 2.19 -6.19
CA CYS C 5 1.12 2.39 -4.78
CA CYS C 5 1.20 2.43 -4.74
C CYS C 5 -0.20 1.79 -4.28
C CYS C 5 -0.14 2.10 -4.08
N ALA C 6 -0.12 1.17 -3.13
CA ALA C 6 -1.31 0.78 -2.40
C ALA C 6 -1.38 1.70 -1.19
N NH2 C 7 -2.65 2.03 -0.74
C ACE D 1 8.19 12.85 -4.39
O ACE D 1 8.40 12.02 -5.28
CH3 ACE D 1 8.19 14.33 -4.68
N ALA D 2 8.27 12.55 -3.03
CA ALA D 2 8.22 11.17 -2.58
C ALA D 2 6.81 10.79 -2.15
N VAL D 3 6.22 9.85 -2.87
CA VAL D 3 4.86 9.40 -2.59
C VAL D 3 4.84 8.37 -1.47
C SLL D 4 3.11 6.18 -0.21
N SLL D 4 3.85 8.46 -0.58
O SLL D 4 2.00 6.19 -0.77
CA SLL D 4 3.65 7.40 0.47
CB SLL D 4 2.70 7.83 1.56
CD SLL D 4 1.68 7.37 3.72
CE SLL D 4 1.64 6.61 5.03
CG SLL D 4 2.72 6.86 2.73
CK SLL D 4 -0.63 7.29 7.97
CL SLL D 4 -1.97 6.68 7.58
CP SLL D 4 -2.85 6.49 8.80
CX SLL D 4 0.43 6.65 7.11
OX SLL D 4 1.00 5.62 7.45
NZ SLL D 4 0.70 7.23 5.96
OP1 SLL D 4 -2.46 5.89 9.79
OP2 SLL D 4 -4.08 6.96 8.77
N CYS D 5 3.87 5.10 -0.16
N CYS D 5 3.89 5.11 -0.17
CA CYS D 5 3.66 4.00 -1.09
CA CYS D 5 3.65 3.99 -1.06
C CYS D 5 3.80 2.64 -0.41
C CYS D 5 3.80 2.67 -0.33
N ALA D 6 2.69 1.98 -0.09
CA ALA D 6 2.76 0.64 0.50
C ALA D 6 2.85 -0.41 -0.59
N NH2 D 7 3.68 -1.53 -0.31
ZN ZN E . 19.90 -10.82 -19.66
PA CNA F . -7.80 -5.14 -6.08
O1A CNA F . -7.39 -6.23 -7.14
O2A CNA F . -7.80 -3.72 -6.53
O5B CNA F . -9.15 -5.48 -5.24
C5B CNA F . -9.96 -6.65 -5.37
C4B CNA F . -11.41 -6.20 -5.53
O4B CNA F . -12.12 -7.33 -6.09
C3B CNA F . -12.09 -5.80 -4.19
O3B CNA F . -12.82 -4.60 -4.39
C2B CNA F . -12.95 -7.06 -3.87
O2B CNA F . -14.10 -6.60 -3.16
C1B CNA F . -13.32 -7.41 -5.30
N9A CNA F . -14.17 -8.62 -5.65
C8A CNA F . -13.89 -9.81 -5.10
N7A CNA F . -14.66 -10.73 -5.67
C5A CNA F . -15.36 -10.13 -6.63
C6A CNA F . -16.26 -10.63 -7.49
N6A CNA F . -16.54 -11.93 -7.40
N1A CNA F . -16.86 -9.85 -8.40
C2A CNA F . -16.53 -8.49 -8.44
N3A CNA F . -15.58 -7.99 -7.54
C4A CNA F . -15.00 -8.84 -6.66
O3 CNA F . -6.72 -5.24 -4.90
PN CNA F . -6.17 -6.59 -4.22
O1N CNA F . -5.84 -6.09 -2.73
O2N CNA F . -7.03 -7.81 -4.27
O5D CNA F . -4.70 -6.81 -4.94
C5D CNA F . -3.79 -5.70 -5.01
C4D CNA F . -3.00 -5.67 -6.34
C4' CNA F . -2.44 -7.07 -6.65
C3D CNA F . -3.92 -5.31 -7.52
O3D CNA F . -3.16 -4.71 -8.63
C2D CNA F . -4.40 -6.66 -7.95
O2D CNA F . -4.93 -6.55 -9.28
C1D CNA F . -3.14 -7.55 -7.92
N1N CNA F . -3.57 -8.98 -7.87
C2N CNA F . -3.85 -9.65 -9.08
C3N CNA F . -4.26 -10.98 -9.10
C7N CNA F . -4.53 -11.58 -10.32
O7N CNA F . -3.80 -11.39 -11.29
N7N CNA F . -5.63 -12.33 -10.36
C4N CNA F . -4.45 -11.67 -7.89
C5N CNA F . -4.18 -11.02 -6.68
C6N CNA F . -3.76 -9.68 -6.66
ZN ZN G . -9.14 27.63 5.59
#